data_2UWI
#
_entry.id   2UWI
#
_cell.length_a   41.380
_cell.length_b   56.490
_cell.length_c   122.530
_cell.angle_alpha   90.00
_cell.angle_beta   90.00
_cell.angle_gamma   90.00
#
_symmetry.space_group_name_H-M   'P 21 21 21'
#
loop_
_entity.id
_entity.type
_entity.pdbx_description
1 polymer 'CRME PROTEIN'
2 water water
#
_entity_poly.entity_id   1
_entity_poly.type   'polypeptide(L)'
_entity_poly.pdbx_seq_one_letter_code
;MCEQGVSYYNSQELKCCKLCKPGTYSDHRCDKYSDTICGHCPSDTFTSIYNRSPWCHSCRGPCGTNRVEVTPCTPTTNRI
CHCDSNSYCLLKASDGNCVTCAPKTKCGRGYGKKGEDEMGNTICKKCRKGTYSKTGHHHHHH
;
_entity_poly.pdbx_strand_id   A,B
#
# COMPACT_ATOMS: atom_id res chain seq x y z
N CYS A 2 31.30 16.63 -37.61
CA CYS A 2 31.07 17.59 -36.53
C CYS A 2 31.09 16.87 -35.18
N GLU A 3 31.40 17.60 -34.10
CA GLU A 3 31.48 17.02 -32.75
C GLU A 3 30.16 16.92 -32.00
N GLN A 4 29.88 15.74 -31.44
CA GLN A 4 28.66 15.52 -30.67
C GLN A 4 28.55 16.53 -29.52
N GLY A 5 27.36 17.08 -29.32
CA GLY A 5 27.09 18.04 -28.27
C GLY A 5 28.00 19.26 -28.28
N VAL A 6 28.47 19.63 -29.46
CA VAL A 6 29.33 20.79 -29.58
C VAL A 6 28.94 21.57 -30.84
N SER A 7 28.74 20.83 -31.93
CA SER A 7 28.38 21.44 -33.19
C SER A 7 27.54 20.50 -34.04
N TYR A 8 26.90 21.05 -35.06
CA TYR A 8 26.05 20.29 -35.98
C TYR A 8 26.42 20.70 -37.40
N TYR A 9 26.02 19.89 -38.37
CA TYR A 9 26.33 20.18 -39.77
C TYR A 9 25.28 21.09 -40.42
N ASN A 10 25.73 22.24 -40.92
CA ASN A 10 24.83 23.16 -41.60
C ASN A 10 24.98 22.97 -43.10
N SER A 11 24.05 22.22 -43.69
CA SER A 11 24.06 21.90 -45.12
C SER A 11 24.16 23.09 -46.06
N GLN A 12 23.65 24.24 -45.63
CA GLN A 12 23.66 25.42 -46.47
C GLN A 12 24.99 26.17 -46.46
N GLU A 13 25.70 26.10 -45.35
CA GLU A 13 26.99 26.77 -45.25
C GLU A 13 28.16 25.80 -45.45
N LEU A 14 27.84 24.53 -45.63
CA LEU A 14 28.86 23.50 -45.84
C LEU A 14 29.95 23.52 -44.78
N LYS A 15 29.54 23.55 -43.53
CA LYS A 15 30.48 23.56 -42.41
C LYS A 15 29.73 23.22 -41.14
N CYS A 16 30.48 22.95 -40.08
CA CYS A 16 29.88 22.65 -38.80
C CYS A 16 29.65 23.99 -38.13
N CYS A 17 28.58 24.08 -37.35
CA CYS A 17 28.29 25.30 -36.63
C CYS A 17 28.01 24.94 -35.19
N LYS A 18 28.38 25.82 -34.27
CA LYS A 18 28.21 25.57 -32.85
C LYS A 18 26.76 25.36 -32.40
N LEU A 19 26.57 24.43 -31.47
CA LEU A 19 25.26 24.20 -30.87
C LEU A 19 25.23 25.13 -29.68
N CYS A 20 24.05 25.49 -29.22
CA CYS A 20 23.93 26.36 -28.06
C CYS A 20 23.86 25.55 -26.78
N LYS A 21 24.64 25.96 -25.78
CA LYS A 21 24.68 25.26 -24.50
C LYS A 21 23.40 25.39 -23.71
N PRO A 22 23.13 24.42 -22.83
CA PRO A 22 21.92 24.49 -22.00
C PRO A 22 21.88 25.85 -21.32
N GLY A 23 20.69 26.44 -21.23
CA GLY A 23 20.51 27.76 -20.65
C GLY A 23 20.49 28.82 -21.74
N THR A 24 20.76 28.39 -22.97
CA THR A 24 20.76 29.29 -24.13
C THR A 24 20.00 28.65 -25.29
N TYR A 25 19.70 29.47 -26.30
CA TYR A 25 18.99 28.99 -27.49
C TYR A 25 19.58 29.70 -28.70
N SER A 26 19.26 29.22 -29.89
CA SER A 26 19.79 29.84 -31.11
C SER A 26 19.08 31.16 -31.43
N ASP A 27 19.79 32.26 -31.23
CA ASP A 27 19.25 33.57 -31.54
C ASP A 27 19.43 33.87 -33.03
N HIS A 28 20.61 33.50 -33.57
CA HIS A 28 20.93 33.68 -34.98
C HIS A 28 21.73 32.48 -35.48
N ARG A 29 21.24 31.84 -36.54
CA ARG A 29 21.93 30.72 -37.14
C ARG A 29 23.27 31.21 -37.67
N CYS A 30 24.20 30.29 -37.86
CA CYS A 30 25.51 30.65 -38.40
C CYS A 30 25.31 30.93 -39.88
N ASP A 31 26.25 31.66 -40.48
CA ASP A 31 26.20 31.96 -41.91
C ASP A 31 27.63 31.93 -42.43
N LYS A 32 27.84 32.37 -43.66
CA LYS A 32 29.19 32.36 -44.23
C LYS A 32 30.17 33.13 -43.36
N TYR A 33 29.72 34.28 -42.87
CA TYR A 33 30.55 35.15 -42.05
C TYR A 33 30.77 34.69 -40.62
N SER A 34 29.69 34.37 -39.92
CA SER A 34 29.79 34.02 -38.51
C SER A 34 29.22 32.66 -38.07
N ASP A 35 29.54 32.31 -36.83
CA ASP A 35 29.04 31.09 -36.22
C ASP A 35 27.74 31.43 -35.47
N THR A 36 27.10 30.42 -34.92
CA THR A 36 25.86 30.60 -34.19
C THR A 36 25.95 31.67 -33.11
N ILE A 37 24.86 32.43 -32.95
CA ILE A 37 24.75 33.41 -31.87
C ILE A 37 23.67 32.88 -30.95
N CYS A 38 24.05 32.55 -29.72
CA CYS A 38 23.14 31.99 -28.73
C CYS A 38 22.70 33.00 -27.67
N GLY A 39 21.40 33.07 -27.42
CA GLY A 39 20.88 33.99 -26.42
C GLY A 39 20.50 33.30 -25.12
N HIS A 40 20.51 34.04 -24.03
CA HIS A 40 20.13 33.49 -22.72
C HIS A 40 18.64 33.18 -22.71
N CYS A 41 18.27 32.09 -22.06
CA CYS A 41 16.86 31.74 -21.94
C CYS A 41 16.14 32.81 -21.13
N PRO A 42 14.94 33.21 -21.57
CA PRO A 42 14.21 34.20 -20.79
C PRO A 42 13.75 33.56 -19.48
N SER A 43 13.35 34.38 -18.53
CA SER A 43 12.87 33.90 -17.25
C SER A 43 11.78 32.85 -17.42
N ASP A 44 11.77 31.85 -16.54
CA ASP A 44 10.76 30.79 -16.58
C ASP A 44 10.82 29.88 -17.82
N THR A 45 11.99 29.82 -18.44
CA THR A 45 12.19 28.96 -19.61
C THR A 45 13.51 28.23 -19.44
N PHE A 46 13.73 27.20 -20.25
CA PHE A 46 14.94 26.41 -20.15
C PHE A 46 15.29 25.64 -21.41
N THR A 47 16.54 25.18 -21.48
CA THR A 47 17.02 24.25 -22.50
C THR A 47 17.98 23.35 -21.74
N SER A 48 17.77 22.04 -21.86
CA SER A 48 18.54 21.07 -21.09
C SER A 48 19.64 20.36 -21.85
N ILE A 49 19.74 20.61 -23.15
CA ILE A 49 20.74 19.96 -23.98
C ILE A 49 21.37 20.98 -24.91
N TYR A 50 22.50 20.63 -25.51
CA TYR A 50 23.13 21.50 -26.49
C TYR A 50 22.17 21.47 -27.66
N ASN A 51 21.75 22.64 -28.11
CA ASN A 51 20.65 22.72 -29.05
C ASN A 51 20.76 23.71 -30.21
N ARG A 52 19.75 23.63 -31.07
CA ARG A 52 19.56 24.50 -32.22
C ARG A 52 18.19 25.14 -32.03
N SER A 53 17.61 25.01 -30.84
CA SER A 53 16.28 25.55 -30.58
C SER A 53 16.14 27.06 -30.84
N PRO A 54 15.06 27.46 -31.50
CA PRO A 54 14.78 28.87 -31.84
C PRO A 54 14.30 29.64 -30.62
N TRP A 55 13.83 28.90 -29.62
CA TRP A 55 13.37 29.51 -28.39
C TRP A 55 13.55 28.50 -27.28
N CYS A 56 13.56 28.97 -26.03
CA CYS A 56 13.69 28.08 -24.89
C CYS A 56 12.31 27.51 -24.56
N HIS A 57 12.29 26.40 -23.84
CA HIS A 57 11.03 25.76 -23.47
C HIS A 57 10.45 26.30 -22.17
N SER A 58 9.14 26.49 -22.14
CA SER A 58 8.48 26.99 -20.95
C SER A 58 8.60 25.97 -19.83
N CYS A 59 8.84 26.45 -18.62
CA CYS A 59 8.92 25.57 -17.46
C CYS A 59 7.49 25.24 -17.06
N ARG A 60 7.27 24.02 -16.58
CA ARG A 60 5.94 23.65 -16.13
C ARG A 60 5.67 24.50 -14.88
N GLY A 61 4.40 24.78 -14.60
CA GLY A 61 4.00 25.60 -13.47
C GLY A 61 4.30 25.02 -12.10
N PRO A 62 4.02 25.81 -11.05
CA PRO A 62 4.26 25.42 -9.66
C PRO A 62 3.68 24.04 -9.34
N CYS A 63 4.35 23.34 -8.44
CA CYS A 63 3.97 21.98 -8.06
C CYS A 63 2.64 21.87 -7.29
N GLY A 64 2.55 22.56 -6.17
CA GLY A 64 1.36 22.50 -5.35
C GLY A 64 1.63 21.90 -3.98
N THR A 65 0.59 21.81 -3.16
CA THR A 65 0.69 21.29 -1.80
C THR A 65 1.04 19.81 -1.70
N ASN A 66 0.42 18.99 -2.55
CA ASN A 66 0.66 17.55 -2.52
C ASN A 66 1.85 17.10 -3.35
N ARG A 67 2.74 18.04 -3.68
CA ARG A 67 3.94 17.75 -4.45
C ARG A 67 5.13 18.46 -3.80
N VAL A 68 6.33 17.96 -4.07
CA VAL A 68 7.55 18.59 -3.59
C VAL A 68 8.32 19.02 -4.85
N GLU A 69 8.88 20.22 -4.85
CA GLU A 69 9.63 20.70 -6.00
C GLU A 69 11.07 20.23 -5.89
N VAL A 70 11.33 19.03 -6.40
CA VAL A 70 12.66 18.43 -6.33
C VAL A 70 13.69 19.11 -7.23
N THR A 71 13.24 19.64 -8.36
CA THR A 71 14.11 20.38 -9.28
C THR A 71 13.46 21.72 -9.62
N PRO A 72 14.15 22.82 -9.31
CA PRO A 72 13.58 24.13 -9.61
C PRO A 72 13.68 24.46 -11.10
N CYS A 73 12.91 25.46 -11.52
CA CYS A 73 12.96 25.92 -12.91
C CYS A 73 14.15 26.86 -13.04
N THR A 74 15.16 26.43 -13.80
CA THR A 74 16.36 27.25 -14.03
C THR A 74 16.64 27.25 -15.53
N PRO A 75 17.54 28.14 -15.99
CA PRO A 75 17.79 28.19 -17.43
C PRO A 75 18.17 26.84 -18.04
N THR A 76 18.69 25.92 -17.22
CA THR A 76 19.06 24.60 -17.71
C THR A 76 18.14 23.49 -17.22
N THR A 77 17.21 23.81 -16.33
CA THR A 77 16.33 22.80 -15.79
C THR A 77 14.85 23.15 -15.79
N ASN A 78 14.04 22.19 -16.24
CA ASN A 78 12.59 22.33 -16.16
C ASN A 78 12.26 22.08 -14.69
N ARG A 79 11.14 22.60 -14.24
CA ARG A 79 10.70 22.38 -12.87
C ARG A 79 10.22 20.93 -12.78
N ILE A 80 10.62 20.22 -11.71
CA ILE A 80 10.21 18.83 -11.53
C ILE A 80 9.45 18.63 -10.22
N CYS A 81 8.28 18.03 -10.31
CA CYS A 81 7.42 17.82 -9.14
C CYS A 81 7.34 16.35 -8.74
N HIS A 82 7.66 16.06 -7.49
CA HIS A 82 7.59 14.69 -6.97
C HIS A 82 6.56 14.57 -5.86
N CYS A 83 6.19 13.34 -5.53
CA CYS A 83 5.24 13.07 -4.46
C CYS A 83 5.94 13.30 -3.14
N ASP A 84 5.19 13.61 -2.10
CA ASP A 84 5.84 13.76 -0.80
C ASP A 84 6.21 12.38 -0.29
N SER A 85 6.93 12.34 0.83
CA SER A 85 7.42 11.08 1.40
C SER A 85 6.35 10.10 1.87
N ASN A 86 5.09 10.52 1.86
CA ASN A 86 3.98 9.67 2.31
C ASN A 86 3.31 9.01 1.12
N SER A 87 3.77 9.36 -0.06
CA SER A 87 3.13 8.88 -1.25
C SER A 87 4.12 8.31 -2.23
N TYR A 88 3.58 7.62 -3.23
CA TYR A 88 4.38 7.10 -4.32
C TYR A 88 3.64 7.50 -5.58
N CYS A 89 4.35 7.51 -6.69
CA CYS A 89 3.79 7.97 -7.95
C CYS A 89 3.05 6.89 -8.72
N LEU A 90 1.86 7.22 -9.19
CA LEU A 90 1.07 6.28 -9.98
C LEU A 90 1.20 6.47 -11.48
N LEU A 91 1.59 7.69 -11.88
CA LEU A 91 1.79 8.01 -13.29
C LEU A 91 2.89 9.06 -13.42
N LYS A 92 4.01 8.63 -13.99
CA LYS A 92 5.16 9.50 -14.17
C LYS A 92 5.18 10.07 -15.58
N ALA A 93 5.76 11.27 -15.70
CA ALA A 93 5.96 11.91 -16.98
C ALA A 93 7.35 11.42 -17.40
N SER A 94 7.68 11.54 -18.69
CA SER A 94 8.98 11.06 -19.17
C SER A 94 10.19 11.71 -18.50
N ASP A 95 10.03 12.93 -18.01
CA ASP A 95 11.14 13.63 -17.34
C ASP A 95 11.20 13.36 -15.83
N GLY A 96 10.37 12.45 -15.36
CA GLY A 96 10.36 12.10 -13.94
C GLY A 96 9.31 12.83 -13.13
N ASN A 97 8.67 13.81 -13.74
CA ASN A 97 7.62 14.57 -13.07
C ASN A 97 6.45 13.65 -12.79
N CYS A 98 6.00 13.64 -11.53
CA CYS A 98 4.87 12.82 -11.20
C CYS A 98 3.59 13.57 -11.42
N VAL A 99 2.68 12.96 -12.15
CA VAL A 99 1.40 13.57 -12.41
C VAL A 99 0.47 13.19 -11.29
N THR A 100 0.52 11.91 -10.94
CA THR A 100 -0.41 11.35 -9.99
C THR A 100 0.18 10.60 -8.80
N CYS A 101 -0.03 11.15 -7.62
CA CYS A 101 0.46 10.55 -6.38
C CYS A 101 -0.62 9.75 -5.63
N ALA A 102 -0.18 8.69 -4.95
CA ALA A 102 -1.06 7.85 -4.16
C ALA A 102 -0.40 7.63 -2.81
N PRO A 103 -1.19 7.69 -1.73
CA PRO A 103 -0.56 7.53 -0.41
C PRO A 103 0.01 6.13 -0.20
N LYS A 104 1.15 6.06 0.47
CA LYS A 104 1.76 4.77 0.77
C LYS A 104 0.86 4.03 1.75
N THR A 105 0.80 2.72 1.62
CA THR A 105 0.01 1.90 2.54
C THR A 105 0.58 2.07 3.95
N LYS A 106 -0.31 2.25 4.93
CA LYS A 106 0.13 2.37 6.32
C LYS A 106 0.10 0.99 6.96
N CYS A 107 1.15 0.63 7.68
CA CYS A 107 1.21 -0.66 8.35
C CYS A 107 0.29 -0.61 9.56
N GLY A 108 -0.46 -1.68 9.79
CA GLY A 108 -1.38 -1.75 10.91
C GLY A 108 -0.69 -1.91 12.25
N ARG A 109 -1.47 -1.90 13.33
CA ARG A 109 -0.91 -2.08 14.66
C ARG A 109 -0.29 -3.46 14.71
N GLY A 110 0.92 -3.57 15.24
CA GLY A 110 1.61 -4.83 15.29
C GLY A 110 2.46 -5.08 14.05
N TYR A 111 2.42 -4.14 13.11
CA TYR A 111 3.20 -4.22 11.89
C TYR A 111 4.09 -2.99 11.76
N GLY A 112 5.13 -3.09 10.94
CA GLY A 112 6.05 -1.99 10.71
C GLY A 112 6.64 -2.07 9.32
N LYS A 113 7.28 -0.99 8.88
CA LYS A 113 7.88 -0.93 7.55
C LYS A 113 9.03 -1.91 7.40
N LYS A 114 8.98 -2.71 6.33
CA LYS A 114 10.06 -3.65 6.06
C LYS A 114 10.90 -3.08 4.94
N GLY A 115 10.29 -2.24 4.13
CA GLY A 115 10.95 -1.61 3.00
C GLY A 115 9.89 -1.11 2.04
N GLU A 116 10.27 -0.93 0.78
CA GLU A 116 9.33 -0.48 -0.24
C GLU A 116 9.42 -1.38 -1.46
N ASP A 117 8.32 -1.48 -2.20
CA ASP A 117 8.34 -2.27 -3.42
C ASP A 117 8.86 -1.40 -4.57
N GLU A 118 9.11 -2.01 -5.72
CA GLU A 118 9.67 -1.28 -6.86
C GLU A 118 8.86 -0.05 -7.30
N MET A 119 7.60 -0.01 -6.88
CA MET A 119 6.68 1.07 -7.23
C MET A 119 6.79 2.23 -6.23
N GLY A 120 7.46 1.99 -5.11
CA GLY A 120 7.62 2.99 -4.06
C GLY A 120 6.64 2.84 -2.90
N ASN A 121 5.83 1.77 -2.91
CA ASN A 121 4.87 1.54 -1.83
C ASN A 121 5.49 0.76 -0.66
N THR A 122 4.89 0.93 0.51
CA THR A 122 5.37 0.28 1.74
C THR A 122 5.15 -1.23 1.75
N ILE A 123 6.16 -1.95 2.23
CA ILE A 123 6.09 -3.39 2.44
C ILE A 123 6.08 -3.54 3.96
N CYS A 124 5.01 -4.09 4.50
CA CYS A 124 4.87 -4.22 5.95
C CYS A 124 5.22 -5.62 6.45
N LYS A 125 5.88 -5.66 7.60
CA LYS A 125 6.22 -6.93 8.24
C LYS A 125 5.64 -6.89 9.64
N LYS A 126 5.38 -8.05 10.20
CA LYS A 126 4.85 -8.13 11.54
C LYS A 126 5.97 -7.90 12.53
N CYS A 127 5.68 -7.15 13.58
CA CYS A 127 6.68 -6.88 14.59
C CYS A 127 6.62 -8.06 15.56
N ARG A 128 7.79 -8.55 15.98
CA ARG A 128 7.81 -9.66 16.94
C ARG A 128 7.65 -9.03 18.31
N CYS B 2 -6.89 -30.60 40.13
CA CYS B 2 -7.77 -30.53 38.98
C CYS B 2 -6.95 -30.29 37.72
N GLU B 3 -7.28 -30.97 36.62
CA GLU B 3 -6.52 -30.77 35.38
C GLU B 3 -7.02 -29.59 34.58
N GLN B 4 -6.13 -28.62 34.38
CA GLN B 4 -6.44 -27.41 33.64
C GLN B 4 -6.98 -27.63 32.23
N GLY B 5 -7.97 -26.83 31.86
CA GLY B 5 -8.61 -26.90 30.57
C GLY B 5 -9.53 -28.11 30.54
N VAL B 6 -9.61 -28.82 31.65
CA VAL B 6 -10.46 -30.00 31.74
C VAL B 6 -11.43 -29.94 32.92
N SER B 7 -10.95 -29.40 34.04
CA SER B 7 -11.75 -29.26 35.22
C SER B 7 -11.32 -28.03 35.98
N TYR B 8 -12.12 -27.65 36.97
CA TYR B 8 -11.81 -26.52 37.81
C TYR B 8 -12.15 -26.91 39.25
N TYR B 9 -11.49 -26.25 40.20
CA TYR B 9 -11.75 -26.55 41.60
C TYR B 9 -12.95 -25.77 42.09
N ASN B 10 -13.97 -26.48 42.52
CA ASN B 10 -15.17 -25.87 43.06
C ASN B 10 -15.05 -25.89 44.59
N SER B 11 -14.70 -24.75 45.17
CA SER B 11 -14.49 -24.65 46.60
C SER B 11 -15.73 -24.94 47.45
N GLN B 12 -16.90 -24.52 46.96
CA GLN B 12 -18.15 -24.75 47.67
C GLN B 12 -18.40 -26.26 47.81
N GLU B 13 -18.12 -27.01 46.75
CA GLU B 13 -18.35 -28.44 46.78
C GLU B 13 -17.11 -29.26 47.17
N LEU B 14 -16.00 -28.57 47.41
CA LEU B 14 -14.74 -29.22 47.78
C LEU B 14 -14.40 -30.35 46.81
N LYS B 15 -14.34 -30.02 45.52
CA LYS B 15 -14.04 -31.02 44.51
C LYS B 15 -13.78 -30.40 43.13
N CYS B 16 -13.17 -31.19 42.25
CA CYS B 16 -12.95 -30.75 40.89
C CYS B 16 -14.23 -31.03 40.13
N CYS B 17 -14.65 -30.08 39.32
CA CYS B 17 -15.84 -30.27 38.49
C CYS B 17 -15.43 -30.07 37.05
N LYS B 18 -16.00 -30.88 36.17
CA LYS B 18 -15.62 -30.83 34.77
C LYS B 18 -16.08 -29.60 34.02
N LEU B 19 -15.21 -29.14 33.12
CA LEU B 19 -15.51 -28.02 32.25
C LEU B 19 -16.30 -28.61 31.10
N CYS B 20 -17.05 -27.78 30.39
CA CYS B 20 -17.85 -28.28 29.28
C CYS B 20 -17.13 -28.14 27.94
N LYS B 21 -17.15 -29.22 27.16
CA LYS B 21 -16.46 -29.26 25.87
C LYS B 21 -17.10 -28.33 24.84
N PRO B 22 -16.31 -27.86 23.87
CA PRO B 22 -16.85 -26.96 22.85
C PRO B 22 -18.09 -27.56 22.22
N GLY B 23 -19.14 -26.77 22.07
CA GLY B 23 -20.39 -27.25 21.52
C GLY B 23 -21.37 -27.54 22.64
N THR B 24 -20.91 -27.39 23.88
CA THR B 24 -21.75 -27.58 25.06
C THR B 24 -21.51 -26.44 26.03
N TYR B 25 -22.37 -26.33 27.05
CA TYR B 25 -22.26 -25.28 28.04
C TYR B 25 -22.68 -25.83 29.39
N SER B 26 -22.45 -25.06 30.45
CA SER B 26 -22.84 -25.48 31.79
C SER B 26 -24.35 -25.34 31.98
N ASP B 27 -25.07 -26.42 31.67
CA ASP B 27 -26.52 -26.46 31.83
C ASP B 27 -26.80 -26.36 33.33
N HIS B 28 -26.12 -27.21 34.10
CA HIS B 28 -26.21 -27.17 35.56
C HIS B 28 -24.82 -27.42 36.11
N ARG B 29 -24.35 -26.51 36.94
CA ARG B 29 -23.03 -26.69 37.50
C ARG B 29 -23.06 -27.81 38.53
N CYS B 30 -21.89 -28.39 38.79
CA CYS B 30 -21.79 -29.50 39.73
C CYS B 30 -22.32 -29.13 41.12
N ASP B 31 -22.78 -30.16 41.83
CA ASP B 31 -23.28 -29.99 43.21
C ASP B 31 -22.88 -31.19 44.06
N LYS B 32 -23.43 -31.28 45.27
CA LYS B 32 -23.07 -32.37 46.17
C LYS B 32 -23.40 -33.75 45.62
N TYR B 33 -24.23 -33.83 44.59
CA TYR B 33 -24.61 -35.14 44.06
C TYR B 33 -23.98 -35.50 42.73
N SER B 34 -23.68 -34.49 41.94
CA SER B 34 -23.26 -34.75 40.58
C SER B 34 -22.19 -33.82 40.04
N ASP B 35 -21.57 -34.25 38.96
CA ASP B 35 -20.58 -33.41 38.29
C ASP B 35 -21.38 -32.42 37.46
N THR B 36 -20.69 -31.60 36.70
CA THR B 36 -21.34 -30.59 35.88
C THR B 36 -22.21 -31.26 34.84
N ILE B 37 -23.36 -30.66 34.56
CA ILE B 37 -24.23 -31.17 33.52
C ILE B 37 -24.02 -30.24 32.33
N CYS B 38 -23.35 -30.75 31.31
CA CYS B 38 -23.04 -29.98 30.11
C CYS B 38 -24.11 -30.24 29.06
N GLY B 39 -24.79 -29.18 28.62
CA GLY B 39 -25.84 -29.32 27.62
C GLY B 39 -25.38 -28.92 26.23
N HIS B 40 -25.99 -29.51 25.21
CA HIS B 40 -25.66 -29.21 23.82
C HIS B 40 -26.13 -27.80 23.47
N CYS B 41 -25.30 -27.07 22.75
CA CYS B 41 -25.65 -25.71 22.35
C CYS B 41 -26.86 -25.75 21.42
N PRO B 42 -27.86 -24.89 21.69
CA PRO B 42 -29.03 -24.84 20.82
C PRO B 42 -28.67 -24.19 19.48
N SER B 43 -29.58 -24.27 18.52
CA SER B 43 -29.35 -23.69 17.20
C SER B 43 -28.87 -22.24 17.29
N ASP B 44 -27.98 -21.87 16.38
CA ASP B 44 -27.51 -20.49 16.29
C ASP B 44 -26.69 -19.95 17.47
N THR B 45 -26.03 -20.87 18.18
CA THR B 45 -25.17 -20.52 19.31
C THR B 45 -23.97 -21.44 19.26
N PHE B 46 -22.92 -21.09 20.01
CA PHE B 46 -21.71 -21.89 20.00
C PHE B 46 -20.87 -21.70 21.26
N THR B 47 -19.91 -22.59 21.45
CA THR B 47 -18.88 -22.48 22.48
C THR B 47 -17.65 -23.07 21.82
N SER B 48 -16.54 -22.35 21.92
CA SER B 48 -15.29 -22.74 21.25
C SER B 48 -14.21 -23.33 22.13
N ILE B 49 -14.42 -23.31 23.43
CA ILE B 49 -13.42 -23.79 24.36
C ILE B 49 -14.12 -24.54 25.46
N TYR B 50 -13.33 -25.26 26.25
CA TYR B 50 -13.84 -25.96 27.41
C TYR B 50 -14.26 -24.84 28.32
N ASN B 51 -15.47 -24.92 28.84
CA ASN B 51 -16.01 -23.78 29.56
C ASN B 51 -16.89 -24.07 30.76
N ARG B 52 -17.30 -22.99 31.42
CA ARG B 52 -18.23 -23.00 32.55
C ARG B 52 -19.33 -21.99 32.19
N SER B 53 -19.56 -21.79 30.90
CA SER B 53 -20.57 -20.81 30.49
C SER B 53 -21.99 -21.27 30.78
N PRO B 54 -22.82 -20.37 31.37
CA PRO B 54 -24.21 -20.69 31.72
C PRO B 54 -25.19 -20.70 30.55
N TRP B 55 -24.66 -20.42 29.36
CA TRP B 55 -25.39 -20.47 28.11
C TRP B 55 -24.37 -20.44 27.00
N CYS B 56 -24.81 -20.78 25.79
CA CYS B 56 -23.91 -20.75 24.65
C CYS B 56 -24.01 -19.35 24.06
N HIS B 57 -22.97 -18.93 23.33
CA HIS B 57 -22.95 -17.59 22.74
C HIS B 57 -23.68 -17.54 21.41
N SER B 58 -24.51 -16.53 21.24
CA SER B 58 -25.24 -16.38 19.99
C SER B 58 -24.23 -16.12 18.88
N CYS B 59 -24.54 -16.64 17.69
CA CYS B 59 -23.66 -16.50 16.56
C CYS B 59 -23.84 -15.16 15.87
N ARG B 60 -22.77 -14.68 15.24
CA ARG B 60 -22.84 -13.44 14.50
C ARG B 60 -23.89 -13.55 13.43
N GLY B 61 -24.41 -12.41 13.02
CA GLY B 61 -25.33 -12.37 11.90
C GLY B 61 -24.51 -12.42 10.64
N PRO B 62 -25.18 -12.43 9.47
CA PRO B 62 -24.55 -12.47 8.15
C PRO B 62 -23.39 -11.50 7.96
N CYS B 63 -22.38 -11.94 7.22
CA CYS B 63 -21.21 -11.11 6.90
C CYS B 63 -21.67 -9.91 6.06
N GLY B 64 -21.23 -8.71 6.42
CA GLY B 64 -21.65 -7.53 5.70
C GLY B 64 -21.14 -7.46 4.28
N THR B 65 -21.54 -6.43 3.55
CA THR B 65 -21.01 -6.27 2.19
C THR B 65 -19.55 -6.01 2.55
N ASN B 66 -18.62 -6.47 1.71
CA ASN B 66 -17.19 -6.34 1.97
C ASN B 66 -16.63 -7.55 2.69
N ARG B 67 -17.47 -8.57 2.88
CA ARG B 67 -17.03 -9.77 3.56
C ARG B 67 -17.55 -11.02 2.87
N VAL B 68 -16.83 -12.12 3.08
CA VAL B 68 -17.25 -13.42 2.60
C VAL B 68 -17.23 -14.33 3.83
N GLU B 69 -18.20 -15.25 3.90
CA GLU B 69 -18.29 -16.17 5.02
C GLU B 69 -17.43 -17.38 4.73
N VAL B 70 -16.48 -17.66 5.62
CA VAL B 70 -15.57 -18.79 5.43
C VAL B 70 -15.90 -19.96 6.36
N THR B 71 -16.46 -19.65 7.52
CA THR B 71 -16.84 -20.67 8.50
C THR B 71 -18.25 -20.34 8.97
N PRO B 72 -19.19 -21.29 8.84
CA PRO B 72 -20.56 -20.98 9.27
C PRO B 72 -20.76 -21.26 10.76
N CYS B 73 -21.90 -20.84 11.29
CA CYS B 73 -22.19 -21.08 12.70
C CYS B 73 -22.45 -22.57 12.93
N THR B 74 -21.74 -23.14 13.90
CA THR B 74 -21.92 -24.53 14.29
C THR B 74 -21.78 -24.56 15.81
N PRO B 75 -22.15 -25.67 16.46
CA PRO B 75 -22.06 -25.69 17.92
C PRO B 75 -20.68 -25.33 18.49
N THR B 76 -19.63 -25.60 17.70
CA THR B 76 -18.27 -25.34 18.16
C THR B 76 -17.62 -24.10 17.54
N THR B 77 -18.28 -23.51 16.54
CA THR B 77 -17.70 -22.35 15.87
C THR B 77 -18.68 -21.25 15.57
N ASN B 78 -18.27 -20.02 15.86
CA ASN B 78 -19.06 -18.84 15.54
C ASN B 78 -18.96 -18.64 14.04
N ARG B 79 -19.88 -17.86 13.45
CA ARG B 79 -19.83 -17.57 12.03
C ARG B 79 -18.58 -16.72 11.80
N ILE B 80 -17.79 -17.08 10.79
CA ILE B 80 -16.55 -16.36 10.53
C ILE B 80 -16.53 -15.67 9.16
N CYS B 81 -16.29 -14.36 9.19
CA CYS B 81 -16.26 -13.55 7.98
C CYS B 81 -14.84 -13.06 7.69
N HIS B 82 -14.41 -13.23 6.44
CA HIS B 82 -13.09 -12.79 6.02
C HIS B 82 -13.24 -11.71 4.97
N CYS B 83 -12.13 -11.07 4.62
CA CYS B 83 -12.17 -10.04 3.59
C CYS B 83 -12.21 -10.76 2.27
N ASP B 84 -12.78 -10.12 1.26
CA ASP B 84 -12.84 -10.72 -0.06
C ASP B 84 -11.44 -10.83 -0.68
N SER B 85 -11.39 -11.33 -1.91
CA SER B 85 -10.13 -11.55 -2.62
C SER B 85 -9.31 -10.30 -2.91
N ASN B 86 -9.96 -9.14 -2.94
CA ASN B 86 -9.25 -7.91 -3.28
C ASN B 86 -8.92 -7.01 -2.09
N SER B 87 -9.11 -7.55 -0.90
CA SER B 87 -8.81 -6.81 0.33
C SER B 87 -8.00 -7.69 1.28
N TYR B 88 -7.38 -7.07 2.27
CA TYR B 88 -6.64 -7.79 3.29
C TYR B 88 -7.16 -7.33 4.63
N CYS B 89 -7.05 -8.18 5.64
CA CYS B 89 -7.56 -7.84 6.96
C CYS B 89 -6.60 -6.95 7.75
N LEU B 90 -7.00 -5.71 7.97
CA LEU B 90 -6.19 -4.76 8.72
C LEU B 90 -6.29 -5.03 10.22
N LEU B 91 -7.46 -5.48 10.65
CA LEU B 91 -7.69 -5.73 12.08
C LEU B 91 -8.58 -6.96 12.26
N LYS B 92 -8.01 -8.02 12.83
CA LYS B 92 -8.74 -9.27 13.04
C LYS B 92 -9.24 -9.38 14.46
N ALA B 93 -10.32 -10.13 14.65
CA ALA B 93 -10.81 -10.41 15.99
C ALA B 93 -10.06 -11.66 16.42
N SER B 94 -10.25 -12.08 17.67
CA SER B 94 -9.53 -13.24 18.18
C SER B 94 -9.83 -14.57 17.50
N ASP B 95 -11.02 -14.71 16.92
CA ASP B 95 -11.39 -15.94 16.24
C ASP B 95 -11.04 -15.93 14.75
N GLY B 96 -10.47 -14.83 14.27
CA GLY B 96 -10.09 -14.72 12.87
C GLY B 96 -11.07 -13.93 12.03
N ASN B 97 -12.16 -13.51 12.65
CA ASN B 97 -13.17 -12.70 11.98
C ASN B 97 -12.52 -11.35 11.71
N CYS B 98 -12.71 -10.78 10.53
CA CYS B 98 -12.09 -9.51 10.24
C CYS B 98 -12.91 -8.29 10.64
N VAL B 99 -12.35 -7.48 11.53
CA VAL B 99 -13.03 -6.27 11.97
C VAL B 99 -12.90 -5.17 10.91
N THR B 100 -11.67 -4.95 10.45
CA THR B 100 -11.42 -3.93 9.43
C THR B 100 -10.73 -4.51 8.20
N CYS B 101 -11.35 -4.38 7.04
CA CYS B 101 -10.73 -4.84 5.81
C CYS B 101 -10.18 -3.62 5.09
N ALA B 102 -9.10 -3.81 4.33
CA ALA B 102 -8.47 -2.74 3.57
C ALA B 102 -8.24 -3.19 2.14
N PRO B 103 -8.50 -2.30 1.18
CA PRO B 103 -8.29 -2.77 -0.19
C PRO B 103 -6.81 -2.95 -0.51
N LYS B 104 -6.51 -4.03 -1.22
CA LYS B 104 -5.14 -4.31 -1.62
C LYS B 104 -4.68 -3.24 -2.60
N THR B 105 -3.39 -2.94 -2.59
CA THR B 105 -2.84 -1.95 -3.49
C THR B 105 -2.89 -2.46 -4.91
N LYS B 106 -3.32 -1.60 -5.82
CA LYS B 106 -3.38 -1.93 -7.23
C LYS B 106 -2.05 -1.54 -7.87
N CYS B 107 -1.41 -2.47 -8.56
CA CYS B 107 -0.13 -2.19 -9.22
C CYS B 107 -0.36 -1.21 -10.39
N GLY B 108 0.47 -0.18 -10.49
CA GLY B 108 0.33 0.81 -11.54
C GLY B 108 0.70 0.34 -12.94
N ARG B 109 0.49 1.19 -13.92
CA ARG B 109 0.82 0.86 -15.31
C ARG B 109 2.30 0.52 -15.42
N GLY B 110 2.60 -0.64 -15.99
CA GLY B 110 3.98 -1.08 -16.16
C GLY B 110 4.46 -1.95 -15.01
N TYR B 111 3.59 -2.15 -14.02
CA TYR B 111 3.93 -2.96 -12.86
C TYR B 111 3.00 -4.16 -12.79
N GLY B 112 3.38 -5.15 -11.99
CA GLY B 112 2.60 -6.35 -11.79
C GLY B 112 2.88 -6.96 -10.44
N LYS B 113 2.00 -7.84 -10.00
CA LYS B 113 2.15 -8.51 -8.71
C LYS B 113 3.43 -9.34 -8.61
N LYS B 114 4.17 -9.15 -7.51
CA LYS B 114 5.39 -9.94 -7.26
C LYS B 114 5.10 -10.92 -6.13
N GLY B 115 4.12 -10.57 -5.30
CA GLY B 115 3.69 -11.38 -4.17
C GLY B 115 2.88 -10.54 -3.19
N GLU B 116 2.87 -10.97 -1.93
CA GLU B 116 2.14 -10.24 -0.90
C GLU B 116 3.03 -10.10 0.34
N ASP B 117 2.84 -9.02 1.08
CA ASP B 117 3.61 -8.82 2.30
C ASP B 117 2.94 -9.56 3.46
N GLU B 118 3.54 -9.49 4.64
CA GLU B 118 3.00 -10.20 5.79
C GLU B 118 1.58 -9.76 6.18
N MET B 119 1.22 -8.55 5.79
CA MET B 119 -0.11 -7.99 6.09
C MET B 119 -1.15 -8.52 5.11
N GLY B 120 -0.70 -9.07 4.00
CA GLY B 120 -1.59 -9.58 2.96
C GLY B 120 -1.75 -8.59 1.83
N ASN B 121 -0.99 -7.50 1.88
CA ASN B 121 -1.05 -6.48 0.83
C ASN B 121 -0.18 -6.86 -0.38
N THR B 122 -0.55 -6.33 -1.54
CA THR B 122 0.15 -6.60 -2.80
C THR B 122 1.52 -5.93 -2.83
N ILE B 123 2.53 -6.70 -3.25
CA ILE B 123 3.88 -6.17 -3.47
C ILE B 123 4.00 -6.11 -4.99
N CYS B 124 4.34 -4.95 -5.55
CA CYS B 124 4.42 -4.82 -7.00
C CYS B 124 5.84 -4.77 -7.55
N LYS B 125 6.05 -5.41 -8.70
CA LYS B 125 7.35 -5.38 -9.36
C LYS B 125 7.19 -4.73 -10.74
N LYS B 126 8.24 -4.07 -11.20
CA LYS B 126 8.21 -3.44 -12.51
C LYS B 126 8.33 -4.55 -13.54
N CYS B 127 7.46 -4.53 -14.54
CA CYS B 127 7.46 -5.56 -15.58
C CYS B 127 8.43 -5.25 -16.71
N ARG B 128 8.86 -6.28 -17.43
CA ARG B 128 9.76 -6.10 -18.58
C ARG B 128 8.96 -6.18 -19.88
#